data_4XQA
#
_entry.id   4XQA
#
_cell.length_a   68.230
_cell.length_b   75.620
_cell.length_c   131.110
_cell.angle_alpha   90.000
_cell.angle_beta   90.000
_cell.angle_gamma   90.000
#
_symmetry.space_group_name_H-M   'P 21 21 21'
#
loop_
_entity.id
_entity.type
_entity.pdbx_description
1 polymer Fiber
2 non-polymer 'ACETATE ION'
3 non-polymer 'ZINC ION'
4 non-polymer '(1-{2-[bis(2-{4-[({(6R)-5-(acetylamino)-3,5-dideoxy-6-[(1R,2R)-1,2,3-trihydroxypropyl]-beta-L-threo-hex-2-ulopyranonosyl}oxy)methyl]-1H-1,2,3-triazol-1-yl}ethyl)amino]ethyl}-1H-1,2,3-triazol-4-yl)methyl (6R)-5-(acetylamino)-3,5-dideoxy-6-[(1R,2R)-1,2,3-trihydroxypropyl]-beta-L-threo-hex-2-ulopyranosidonic acid'
5 water water
#
_entity_poly.entity_id   1
_entity_poly.type   'polypeptide(L)'
_entity_poly.pdbx_seq_one_letter_code
;GAMGSWNPKYDTRTLWTTPDTSPNCTIAQDKDSKLTLVLTKCGSQILANVSLIVVAGKYHIINNKTNPKIKSFTIKLLFN
KNGVLLDNSNLGKAYWNFRSGNSNVSTAYEKAIGFMPNLVAYPKPSNSKKYARDIVYGTIYLGGKPDQPAVIKTTFNQET
GCEYSITFNFSWSKTYENVEFETTSFTFSYIAQE
;
_entity_poly.pdbx_strand_id   A,B,C
#
# COMPACT_ATOMS: atom_id res chain seq x y z
N ASP A 11 11.42 12.11 13.90
CA ASP A 11 12.27 11.88 12.73
C ASP A 11 11.41 11.59 11.50
N THR A 12 11.46 12.52 10.56
CA THR A 12 10.57 12.57 9.40
C THR A 12 11.33 12.25 8.13
N ARG A 13 12.55 11.76 8.30
CA ARG A 13 13.47 11.79 7.20
C ARG A 13 13.22 10.71 6.16
N THR A 14 13.85 10.94 5.02
CA THR A 14 13.81 10.05 3.90
C THR A 14 15.23 9.69 3.56
N LEU A 15 15.34 8.42 3.39
CA LEU A 15 16.59 7.75 3.05
CA LEU A 15 16.54 7.74 2.97
C LEU A 15 16.33 7.06 1.74
N TRP A 16 17.13 7.38 0.72
CA TRP A 16 16.81 6.96 -0.63
C TRP A 16 18.01 6.76 -1.53
N THR A 17 17.74 6.26 -2.73
CA THR A 17 18.72 6.06 -3.77
C THR A 17 18.93 7.28 -4.67
N THR A 18 18.20 8.37 -4.40
CA THR A 18 17.92 9.47 -5.35
C THR A 18 16.99 8.97 -6.47
N PRO A 19 16.27 9.90 -7.11
CA PRO A 19 15.24 9.49 -8.07
C PRO A 19 15.68 9.54 -9.52
N ASP A 20 16.97 9.72 -9.80
CA ASP A 20 17.41 9.80 -11.18
C ASP A 20 17.46 8.38 -11.76
N THR A 21 17.97 8.25 -12.97
CA THR A 21 18.01 6.92 -13.57
C THR A 21 19.43 6.37 -13.72
N SER A 22 20.38 6.97 -13.00
CA SER A 22 21.77 6.52 -13.11
C SER A 22 21.95 5.17 -12.41
N PRO A 23 22.53 4.17 -13.10
CA PRO A 23 22.63 2.85 -12.48
C PRO A 23 23.43 2.85 -11.17
N ASN A 24 22.93 2.08 -10.20
CA ASN A 24 23.44 2.08 -8.84
C ASN A 24 23.47 0.67 -8.27
N CYS A 25 23.18 -0.32 -9.10
CA CYS A 25 22.93 -1.65 -8.59
C CYS A 25 23.56 -2.71 -9.50
N THR A 26 24.02 -3.80 -8.89
CA THR A 26 24.72 -4.87 -9.60
C THR A 26 24.00 -6.19 -9.35
N ILE A 27 23.25 -6.67 -10.34
CA ILE A 27 22.53 -7.93 -10.20
C ILE A 27 23.39 -9.06 -10.76
N ALA A 28 23.76 -8.95 -12.04
CA ALA A 28 24.56 -9.98 -12.73
C ALA A 28 25.94 -9.47 -13.13
N GLN A 29 26.04 -8.17 -13.37
CA GLN A 29 27.30 -7.54 -13.71
C GLN A 29 27.28 -6.11 -13.16
N ASP A 30 28.43 -5.46 -13.13
CA ASP A 30 28.57 -4.17 -12.44
C ASP A 30 27.65 -3.10 -13.02
N LYS A 31 26.84 -2.48 -12.15
CA LYS A 31 26.02 -1.33 -12.54
C LYS A 31 25.08 -1.63 -13.69
N ASP A 32 24.45 -2.80 -13.62
CA ASP A 32 23.50 -3.21 -14.66
C ASP A 32 22.08 -2.71 -14.43
N SER A 33 21.84 -2.00 -13.33
CA SER A 33 20.47 -1.65 -13.01
C SER A 33 20.38 -0.42 -12.12
N LYS A 34 19.23 0.24 -12.18
CA LYS A 34 18.89 1.29 -11.22
C LYS A 34 17.75 0.79 -10.37
N LEU A 35 18.06 0.58 -9.10
CA LEU A 35 17.03 0.35 -8.10
C LEU A 35 16.62 1.70 -7.54
N THR A 36 15.34 2.04 -7.67
CA THR A 36 14.86 3.26 -7.04
C THR A 36 14.13 2.86 -5.79
N LEU A 37 14.68 3.24 -4.63
CA LEU A 37 14.12 2.84 -3.34
C LEU A 37 14.05 4.07 -2.45
N VAL A 38 12.87 4.32 -1.90
CA VAL A 38 12.65 5.47 -1.04
C VAL A 38 12.04 4.96 0.26
N LEU A 39 12.72 5.22 1.36
CA LEU A 39 12.25 4.84 2.69
C LEU A 39 11.96 6.09 3.50
N THR A 40 10.71 6.26 3.91
CA THR A 40 10.32 7.40 4.70
C THR A 40 9.83 6.95 6.07
N LYS A 41 10.39 7.54 7.11
CA LYS A 41 10.03 7.14 8.47
C LYS A 41 8.76 7.84 8.96
N CYS A 42 7.74 7.04 9.24
CA CYS A 42 6.51 7.53 9.82
C CYS A 42 6.41 6.86 11.16
N GLY A 43 7.16 7.36 12.12
CA GLY A 43 7.19 6.80 13.45
C GLY A 43 7.65 5.38 13.40
N SER A 44 6.83 4.50 13.97
CA SER A 44 7.22 3.10 14.09
C SER A 44 7.04 2.29 12.81
N GLN A 45 6.63 2.91 11.71
CA GLN A 45 6.59 2.22 10.42
C GLN A 45 7.40 2.97 9.40
N ILE A 46 8.05 2.22 8.52
CA ILE A 46 8.75 2.80 7.37
C ILE A 46 7.84 2.60 6.16
N LEU A 47 7.55 3.68 5.45
CA LEU A 47 6.79 3.65 4.20
C LEU A 47 7.81 3.55 3.06
N ALA A 48 7.68 2.51 2.24
CA ALA A 48 8.68 2.18 1.24
C ALA A 48 8.07 2.25 -0.15
N ASN A 49 8.83 2.75 -1.12
CA ASN A 49 8.42 2.82 -2.51
C ASN A 49 9.58 2.29 -3.34
N VAL A 50 9.30 1.33 -4.23
CA VAL A 50 10.38 0.66 -4.96
C VAL A 50 10.03 0.44 -6.44
N SER A 51 11.04 0.54 -7.30
CA SER A 51 10.96 0.14 -8.71
C SER A 51 12.34 -0.25 -9.17
N LEU A 52 12.39 -0.87 -10.34
CA LEU A 52 13.66 -1.37 -10.88
C LEU A 52 13.72 -1.15 -12.38
N ILE A 53 14.87 -0.65 -12.83
CA ILE A 53 15.18 -0.57 -14.25
C ILE A 53 16.46 -1.36 -14.50
N VAL A 54 16.38 -2.42 -15.31
CA VAL A 54 17.60 -3.14 -15.68
C VAL A 54 18.07 -2.56 -17.01
N VAL A 55 19.35 -2.20 -17.09
CA VAL A 55 19.87 -1.53 -18.30
C VAL A 55 20.85 -2.36 -19.13
N ALA A 56 21.37 -3.44 -18.56
CA ALA A 56 22.39 -4.22 -19.25
C ALA A 56 22.46 -5.61 -18.66
N GLY A 57 23.16 -6.49 -19.36
CA GLY A 57 23.43 -7.81 -18.83
C GLY A 57 22.29 -8.81 -18.94
N LYS A 58 22.46 -9.92 -18.24
CA LYS A 58 21.59 -11.10 -18.33
C LYS A 58 20.11 -10.82 -18.12
N TYR A 59 19.78 -9.86 -17.25
CA TYR A 59 18.38 -9.59 -16.94
C TYR A 59 17.79 -8.38 -17.66
N HIS A 60 18.53 -7.78 -18.60
CA HIS A 60 18.01 -6.62 -19.33
C HIS A 60 16.83 -6.96 -20.24
N ILE A 61 17.01 -7.94 -21.12
CA ILE A 61 15.98 -8.36 -22.06
C ILE A 61 15.72 -9.84 -21.80
N ILE A 62 14.51 -10.17 -21.37
CA ILE A 62 14.18 -11.54 -21.04
C ILE A 62 13.65 -12.30 -22.26
N ASN A 63 14.23 -13.46 -22.58
CA ASN A 63 13.64 -14.36 -23.58
C ASN A 63 13.55 -15.77 -23.01
N ASN A 64 12.35 -16.13 -22.57
CA ASN A 64 12.09 -17.46 -22.00
C ASN A 64 11.73 -18.55 -23.01
N LYS A 65 11.67 -18.20 -24.29
CA LYS A 65 11.60 -19.26 -25.29
C LYS A 65 13.00 -19.84 -25.50
N THR A 66 14.01 -18.99 -25.53
CA THR A 66 15.38 -19.45 -25.72
C THR A 66 16.06 -19.78 -24.36
N ASN A 67 15.67 -19.08 -23.30
CA ASN A 67 16.20 -19.37 -21.97
C ASN A 67 15.09 -19.56 -20.94
N PRO A 68 14.42 -20.72 -21.00
CA PRO A 68 13.23 -20.90 -20.16
C PRO A 68 13.49 -20.98 -18.66
N LYS A 69 14.74 -21.19 -18.24
CA LYS A 69 15.03 -21.29 -16.81
C LYS A 69 15.35 -19.94 -16.15
N ILE A 70 15.46 -18.87 -16.94
CA ILE A 70 15.78 -17.55 -16.38
C ILE A 70 14.45 -16.94 -15.89
N LYS A 71 14.17 -17.06 -14.60
CA LYS A 71 12.84 -16.76 -14.07
C LYS A 71 12.85 -15.93 -12.81
N SER A 72 14.03 -15.60 -12.29
CA SER A 72 14.09 -14.85 -11.04
C SER A 72 15.49 -14.34 -10.77
N PHE A 73 15.58 -13.30 -9.97
CA PHE A 73 16.85 -12.81 -9.47
C PHE A 73 16.63 -12.03 -8.18
N THR A 74 17.71 -11.75 -7.46
CA THR A 74 17.61 -11.16 -6.14
C THR A 74 18.54 -9.96 -5.97
N ILE A 75 18.02 -8.92 -5.30
CA ILE A 75 18.80 -7.74 -4.95
C ILE A 75 18.79 -7.65 -3.44
N LYS A 76 19.98 -7.64 -2.83
CA LYS A 76 20.11 -7.61 -1.36
C LYS A 76 20.68 -6.31 -0.84
N LEU A 77 20.03 -5.77 0.21
CA LEU A 77 20.57 -4.65 0.98
C LEU A 77 20.91 -5.18 2.37
N LEU A 78 22.19 -5.13 2.72
CA LEU A 78 22.66 -5.67 4.00
C LEU A 78 23.13 -4.50 4.84
N PHE A 79 22.77 -4.51 6.12
CA PHE A 79 23.09 -3.38 7.00
C PHE A 79 23.82 -3.81 8.27
N ASN A 80 24.72 -2.96 8.74
CA ASN A 80 25.37 -3.23 10.02
C ASN A 80 24.55 -2.75 11.22
N LYS A 81 25.15 -2.80 12.41
CA LYS A 81 24.42 -2.51 13.63
C LYS A 81 23.93 -1.07 13.68
N ASN A 82 24.53 -0.21 12.88
CA ASN A 82 24.18 1.21 12.86
C ASN A 82 23.24 1.57 11.69
N GLY A 83 22.79 0.54 10.97
CA GLY A 83 21.93 0.75 9.81
C GLY A 83 22.69 1.26 8.59
N VAL A 84 24.02 1.12 8.61
CA VAL A 84 24.85 1.51 7.48
C VAL A 84 24.92 0.37 6.46
N LEU A 85 24.80 0.72 5.17
CA LEU A 85 24.78 -0.28 4.10
C LEU A 85 26.17 -0.91 3.92
N LEU A 86 26.21 -2.23 3.89
CA LEU A 86 27.47 -2.96 3.70
C LEU A 86 27.86 -3.05 2.22
N ASP A 87 29.15 -3.00 1.92
CA ASP A 87 29.58 -2.93 0.52
C ASP A 87 29.34 -4.22 -0.30
N ASN A 88 29.05 -5.34 0.36
CA ASN A 88 28.67 -6.54 -0.41
C ASN A 88 27.18 -6.58 -0.80
N SER A 89 26.42 -5.54 -0.45
CA SER A 89 25.06 -5.38 -0.94
C SER A 89 25.07 -5.25 -2.45
N ASN A 90 23.98 -5.59 -3.12
CA ASN A 90 23.88 -5.37 -4.57
C ASN A 90 23.77 -3.88 -4.92
N LEU A 91 23.14 -3.11 -4.02
CA LEU A 91 23.05 -1.66 -4.13
C LEU A 91 24.38 -1.02 -3.73
N GLY A 92 24.88 -0.09 -4.54
CA GLY A 92 26.11 0.62 -4.24
C GLY A 92 25.95 1.64 -3.11
N LYS A 93 27.02 1.85 -2.35
CA LYS A 93 26.93 2.76 -1.19
C LYS A 93 26.96 4.24 -1.56
N ALA A 94 27.51 4.55 -2.73
CA ALA A 94 27.78 5.94 -3.08
C ALA A 94 26.55 6.83 -3.14
N TYR A 95 25.39 6.28 -3.50
CA TYR A 95 24.23 7.14 -3.66
C TYR A 95 23.05 6.78 -2.74
N TRP A 96 23.32 5.97 -1.72
CA TRP A 96 22.30 5.65 -0.73
C TRP A 96 22.53 6.50 0.51
N ASN A 97 21.59 7.40 0.79
CA ASN A 97 21.80 8.41 1.84
C ASN A 97 20.50 9.15 2.13
N PHE A 98 20.51 9.97 3.17
CA PHE A 98 19.38 10.83 3.46
C PHE A 98 19.19 11.87 2.37
N ARG A 99 17.94 12.16 2.06
CA ARG A 99 17.57 13.11 1.03
C ARG A 99 17.97 14.54 1.41
N SER A 100 18.45 15.27 0.40
CA SER A 100 18.55 16.72 0.45
C SER A 100 18.13 17.18 -0.94
N GLY A 101 16.99 17.85 -1.05
CA GLY A 101 16.45 18.23 -2.35
C GLY A 101 16.23 17.01 -3.24
N ASN A 102 16.66 17.08 -4.49
CA ASN A 102 16.58 15.92 -5.36
C ASN A 102 17.88 15.13 -5.33
N SER A 103 18.73 15.47 -4.36
CA SER A 103 20.01 14.79 -4.20
C SER A 103 20.13 14.21 -2.79
N ASN A 104 21.37 14.09 -2.33
CA ASN A 104 21.64 13.60 -0.99
C ASN A 104 22.41 14.61 -0.17
N VAL A 105 22.36 14.45 1.14
CA VAL A 105 23.24 15.22 2.02
C VAL A 105 24.69 14.91 1.64
N SER A 106 25.57 15.91 1.75
CA SER A 106 26.95 15.79 1.28
C SER A 106 27.77 14.66 1.90
N THR A 107 27.56 14.38 3.18
CA THR A 107 28.33 13.35 3.85
C THR A 107 27.55 12.04 4.03
N ALA A 108 28.25 10.92 3.91
CA ALA A 108 27.64 9.61 4.16
C ALA A 108 27.10 9.53 5.59
N TYR A 109 25.91 8.96 5.75
CA TYR A 109 25.29 8.90 7.07
C TYR A 109 25.99 7.89 7.97
N GLU A 110 25.90 8.10 9.28
CA GLU A 110 26.53 7.20 10.24
C GLU A 110 25.55 6.34 11.02
N LYS A 111 24.29 6.80 11.12
CA LYS A 111 23.27 6.08 11.89
C LYS A 111 21.91 6.15 11.20
N ALA A 112 21.25 5.00 11.09
CA ALA A 112 19.90 4.94 10.53
C ALA A 112 19.14 3.77 11.13
N ILE A 113 19.36 3.54 12.43
CA ILE A 113 18.70 2.40 13.09
C ILE A 113 17.17 2.51 13.06
N GLY A 114 16.64 3.73 13.08
CA GLY A 114 15.20 3.92 13.03
C GLY A 114 14.59 3.55 11.68
N PHE A 115 15.43 3.24 10.70
CA PHE A 115 14.98 2.78 9.39
C PHE A 115 15.12 1.29 9.20
N MET A 116 15.68 0.60 10.18
CA MET A 116 15.92 -0.84 10.03
C MET A 116 14.66 -1.66 10.36
N PRO A 117 14.52 -2.83 9.72
CA PRO A 117 13.36 -3.67 10.02
C PRO A 117 13.47 -4.24 11.43
N ASN A 118 12.37 -4.13 12.18
CA ASN A 118 12.33 -4.56 13.57
C ASN A 118 12.72 -6.03 13.77
N LEU A 119 13.68 -6.26 14.65
CA LEU A 119 14.21 -7.60 14.86
C LEU A 119 13.25 -8.54 15.61
N VAL A 120 12.35 -8.01 16.44
CA VAL A 120 11.38 -8.89 17.09
C VAL A 120 10.30 -9.30 16.08
N ALA A 121 9.84 -8.35 15.27
CA ALA A 121 8.87 -8.66 14.22
C ALA A 121 9.47 -9.62 13.19
N TYR A 122 10.75 -9.38 12.88
CA TYR A 122 11.42 -10.06 11.77
C TYR A 122 12.79 -10.56 12.26
N PRO A 123 12.80 -11.69 12.99
CA PRO A 123 14.07 -12.18 13.56
C PRO A 123 15.06 -12.67 12.47
N LYS A 124 16.35 -12.59 12.81
CA LYS A 124 17.38 -13.13 11.93
C LYS A 124 17.24 -14.64 11.85
N PRO A 125 17.82 -15.26 10.83
CA PRO A 125 17.76 -16.71 10.70
C PRO A 125 18.30 -17.43 11.92
N SER A 126 17.69 -18.56 12.22
CA SER A 126 18.06 -19.36 13.37
C SER A 126 17.53 -20.77 13.19
N ASN A 127 17.47 -21.52 14.29
CA ASN A 127 16.84 -22.83 14.28
C ASN A 127 15.37 -22.70 14.63
N SER A 128 14.98 -21.51 15.09
CA SER A 128 13.59 -21.24 15.45
C SER A 128 12.70 -21.24 14.22
N LYS A 129 11.39 -21.37 14.45
CA LYS A 129 10.43 -21.40 13.36
C LYS A 129 10.46 -20.11 12.57
N LYS A 130 10.49 -20.22 11.25
CA LYS A 130 10.50 -19.04 10.43
C LYS A 130 9.03 -18.72 10.13
N TYR A 131 8.50 -17.62 10.71
CA TYR A 131 7.16 -17.15 10.34
C TYR A 131 7.17 -16.30 9.08
N ALA A 132 6.07 -16.35 8.36
CA ALA A 132 5.94 -15.64 7.09
C ALA A 132 5.75 -14.13 7.20
N ARG A 133 5.55 -13.62 8.41
CA ARG A 133 5.29 -12.19 8.52
C ARG A 133 6.44 -11.29 8.10
N ASP A 134 7.62 -11.88 7.96
CA ASP A 134 8.78 -11.12 7.48
C ASP A 134 8.85 -10.99 5.95
N ILE A 135 7.78 -11.41 5.26
CA ILE A 135 7.67 -11.26 3.83
C ILE A 135 6.51 -10.36 3.46
N VAL A 136 6.70 -9.55 2.41
CA VAL A 136 5.60 -8.85 1.73
CA VAL A 136 5.57 -8.90 1.74
C VAL A 136 5.69 -9.17 0.25
N TYR A 137 4.58 -9.60 -0.34
CA TYR A 137 4.50 -9.82 -1.78
C TYR A 137 3.76 -8.68 -2.47
N GLY A 138 4.22 -8.33 -3.65
CA GLY A 138 3.51 -7.41 -4.53
C GLY A 138 3.68 -7.81 -5.99
N THR A 139 2.88 -7.25 -6.88
CA THR A 139 3.03 -7.50 -8.31
C THR A 139 3.33 -6.17 -8.97
N ILE A 140 4.37 -6.16 -9.79
CA ILE A 140 4.66 -4.98 -10.64
C ILE A 140 4.55 -5.40 -12.10
N TYR A 141 4.66 -4.45 -13.01
CA TYR A 141 4.37 -4.72 -14.44
C TYR A 141 5.52 -4.25 -15.30
N LEU A 142 6.03 -5.15 -16.13
CA LEU A 142 7.15 -4.81 -17.00
C LEU A 142 6.71 -3.89 -18.13
N GLY A 143 7.45 -2.81 -18.30
CA GLY A 143 7.12 -1.86 -19.35
C GLY A 143 5.79 -1.15 -19.14
N GLY A 144 5.22 -1.25 -17.94
CA GLY A 144 3.92 -0.65 -17.70
C GLY A 144 2.75 -1.34 -18.34
N LYS A 145 2.96 -2.51 -18.91
CA LYS A 145 1.91 -3.26 -19.62
C LYS A 145 1.18 -4.18 -18.65
N PRO A 146 -0.15 -4.10 -18.66
CA PRO A 146 -0.93 -4.83 -17.64
C PRO A 146 -0.89 -6.33 -17.85
N ASP A 147 -0.51 -6.79 -19.03
CA ASP A 147 -0.34 -8.23 -19.26
C ASP A 147 1.08 -8.73 -19.05
N GLN A 148 1.93 -7.90 -18.41
CA GLN A 148 3.31 -8.34 -18.12
C GLN A 148 3.64 -8.26 -16.62
N PRO A 149 2.89 -9.02 -15.78
CA PRO A 149 3.18 -9.04 -14.35
C PRO A 149 4.50 -9.72 -14.00
N ALA A 150 5.12 -9.25 -12.93
CA ALA A 150 6.20 -9.96 -12.27
C ALA A 150 6.02 -9.78 -10.78
N VAL A 151 6.46 -10.76 -10.00
CA VAL A 151 6.28 -10.69 -8.55
C VAL A 151 7.50 -10.07 -7.89
N ILE A 152 7.28 -9.11 -6.99
CA ILE A 152 8.33 -8.62 -6.14
C ILE A 152 8.09 -9.16 -4.74
N LYS A 153 9.01 -9.97 -4.26
CA LYS A 153 8.91 -10.54 -2.94
C LYS A 153 9.96 -9.85 -2.08
N THR A 154 9.57 -9.20 -1.00
CA THR A 154 10.49 -8.48 -0.16
C THR A 154 10.56 -9.20 1.17
N THR A 155 11.77 -9.47 1.67
CA THR A 155 11.96 -10.20 2.91
C THR A 155 12.86 -9.40 3.83
N PHE A 156 12.48 -9.32 5.12
CA PHE A 156 13.25 -8.56 6.12
C PHE A 156 14.08 -9.47 7.00
N ASN A 157 15.35 -9.08 7.16
CA ASN A 157 16.27 -9.70 8.13
C ASN A 157 16.45 -11.21 7.94
N GLN A 158 16.56 -11.68 6.70
CA GLN A 158 16.83 -13.11 6.49
C GLN A 158 18.18 -13.42 5.87
N GLU A 159 19.04 -12.42 5.79
CA GLU A 159 20.40 -12.62 5.33
C GLU A 159 21.37 -12.79 6.50
N THR A 160 22.43 -13.54 6.26
CA THR A 160 23.49 -13.64 7.26
C THR A 160 24.58 -12.63 6.96
N GLY A 161 25.54 -12.51 7.87
CA GLY A 161 26.65 -11.61 7.70
C GLY A 161 26.28 -10.13 7.77
N CYS A 162 25.26 -9.82 8.55
CA CYS A 162 24.79 -8.45 8.73
C CYS A 162 23.89 -8.42 9.94
N GLU A 163 23.56 -7.23 10.41
CA GLU A 163 22.61 -7.12 11.53
C GLU A 163 21.16 -7.01 11.08
N TYR A 164 20.96 -6.42 9.90
CA TYR A 164 19.62 -6.23 9.33
C TYR A 164 19.72 -6.41 7.83
N SER A 165 18.59 -6.70 7.17
CA SER A 165 18.61 -6.77 5.72
C SER A 165 17.25 -6.55 5.12
N ILE A 166 17.25 -6.09 3.86
CA ILE A 166 16.04 -6.04 3.06
C ILE A 166 16.43 -6.69 1.74
N THR A 167 15.70 -7.71 1.34
CA THR A 167 16.01 -8.37 0.08
C THR A 167 14.80 -8.36 -0.82
N PHE A 168 15.05 -8.09 -2.10
CA PHE A 168 13.99 -8.05 -3.10
C PHE A 168 14.24 -9.18 -4.08
N ASN A 169 13.31 -10.11 -4.15
CA ASN A 169 13.39 -11.16 -5.14
C ASN A 169 12.35 -10.87 -6.24
N PHE A 170 12.80 -10.75 -7.48
CA PHE A 170 11.92 -10.50 -8.61
C PHE A 170 11.76 -11.81 -9.36
N SER A 171 10.54 -12.23 -9.66
CA SER A 171 10.33 -13.49 -10.37
C SER A 171 9.14 -13.37 -11.28
N TRP A 172 9.04 -14.25 -12.25
CA TRP A 172 7.87 -14.25 -13.13
C TRP A 172 7.53 -15.63 -13.59
N SER A 173 6.29 -15.83 -13.98
CA SER A 173 5.85 -17.15 -14.40
C SER A 173 5.40 -17.15 -15.85
N LYS A 174 5.23 -15.99 -16.46
CA LYS A 174 4.93 -15.96 -17.87
C LYS A 174 6.18 -16.25 -18.68
N THR A 175 5.98 -16.69 -19.92
CA THR A 175 7.07 -16.98 -20.84
C THR A 175 7.35 -15.75 -21.70
N TYR A 176 8.15 -14.82 -21.17
CA TYR A 176 8.36 -13.55 -21.87
C TYR A 176 9.31 -13.71 -23.04
N GLU A 177 9.03 -12.98 -24.11
CA GLU A 177 9.83 -13.08 -25.32
C GLU A 177 10.35 -11.70 -25.71
N ASN A 178 11.61 -11.48 -25.36
CA ASN A 178 12.28 -10.21 -25.65
C ASN A 178 11.61 -9.02 -24.97
N VAL A 179 11.39 -9.18 -23.68
CA VAL A 179 10.74 -8.15 -22.87
C VAL A 179 11.77 -7.50 -21.96
N GLU A 180 11.81 -6.18 -21.98
CA GLU A 180 12.75 -5.44 -21.19
C GLU A 180 12.34 -5.42 -19.72
N PHE A 181 13.28 -5.70 -18.82
CA PHE A 181 12.98 -5.69 -17.38
C PHE A 181 13.08 -4.29 -16.76
N GLU A 182 11.99 -3.54 -16.87
CA GLU A 182 11.90 -2.25 -16.20
C GLU A 182 10.46 -2.16 -15.70
N THR A 183 10.30 -1.75 -14.45
CA THR A 183 9.03 -1.99 -13.74
C THR A 183 8.25 -0.76 -13.38
N THR A 184 6.95 -0.97 -13.16
CA THR A 184 6.12 -0.02 -12.41
C THR A 184 6.55 0.00 -10.94
N SER A 185 5.94 0.91 -10.18
CA SER A 185 6.34 1.11 -8.80
C SER A 185 5.41 0.37 -7.84
N PHE A 186 5.96 0.02 -6.67
CA PHE A 186 5.20 -0.70 -5.63
C PHE A 186 5.47 -0.05 -4.25
N THR A 187 4.43 0.09 -3.45
CA THR A 187 4.51 0.65 -2.12
C THR A 187 4.19 -0.40 -1.09
N PHE A 188 4.97 -0.42 -0.01
CA PHE A 188 4.73 -1.31 1.12
C PHE A 188 5.19 -0.60 2.40
N SER A 189 5.02 -1.24 3.54
CA SER A 189 5.59 -0.69 4.79
C SER A 189 6.15 -1.82 5.61
N TYR A 190 6.95 -1.46 6.61
CA TYR A 190 7.40 -2.46 7.58
C TYR A 190 7.58 -1.83 8.95
N ILE A 191 7.58 -2.68 9.98
CA ILE A 191 7.74 -2.21 11.35
C ILE A 191 9.22 -1.82 11.60
N ALA A 192 9.44 -0.63 12.14
CA ALA A 192 10.78 -0.12 12.38
C ALA A 192 11.39 -0.62 13.71
N GLN A 193 12.71 -0.77 13.70
CA GLN A 193 13.44 -1.28 14.86
C GLN A 193 13.30 -0.34 16.06
N GLU A 194 13.34 0.96 15.81
CA GLU A 194 13.10 1.90 16.89
C GLU A 194 12.47 3.17 16.33
N ASP B 11 -5.08 22.05 8.48
CA ASP B 11 -4.17 20.92 8.32
C ASP B 11 -3.39 21.08 7.02
N THR B 12 -2.16 21.57 7.13
CA THR B 12 -1.31 21.66 5.95
C THR B 12 -0.36 20.46 5.92
N ARG B 13 -0.95 19.27 5.94
CA ARG B 13 -0.26 18.06 5.55
C ARG B 13 -1.21 17.15 4.77
N THR B 14 -2.49 17.54 4.64
CA THR B 14 -3.46 16.75 3.87
C THR B 14 -4.19 17.60 2.85
N LEU B 15 -4.09 17.20 1.58
CA LEU B 15 -4.89 17.75 0.51
C LEU B 15 -5.94 16.71 0.20
N TRP B 16 -7.21 17.11 0.12
CA TRP B 16 -8.23 16.11 -0.15
C TRP B 16 -9.47 16.67 -0.84
N THR B 17 -10.36 15.77 -1.19
CA THR B 17 -11.64 16.09 -1.81
C THR B 17 -12.75 16.27 -0.79
N THR B 18 -12.39 16.16 0.49
CA THR B 18 -13.33 15.91 1.60
CA THR B 18 -13.36 15.95 1.57
C THR B 18 -13.84 14.48 1.50
N PRO B 19 -14.27 13.90 2.63
CA PRO B 19 -14.76 12.53 2.65
C PRO B 19 -16.26 12.35 2.41
N ASP B 20 -16.99 13.41 2.05
CA ASP B 20 -18.43 13.23 1.85
C ASP B 20 -18.72 12.50 0.55
N THR B 21 -19.99 12.39 0.16
CA THR B 21 -20.32 11.71 -1.10
C THR B 21 -20.96 12.64 -2.15
N SER B 22 -20.81 13.94 -1.98
CA SER B 22 -21.35 14.93 -2.92
CA SER B 22 -21.40 14.85 -2.95
C SER B 22 -20.54 14.92 -4.21
N PRO B 23 -21.19 14.74 -5.37
CA PRO B 23 -20.41 14.57 -6.61
C PRO B 23 -19.53 15.76 -6.90
N ASN B 24 -18.32 15.44 -7.39
CA ASN B 24 -17.27 16.45 -7.57
C ASN B 24 -16.50 16.27 -8.87
N CYS B 25 -16.95 15.35 -9.72
CA CYS B 25 -16.14 14.90 -10.82
C CYS B 25 -17.01 14.66 -12.05
N THR B 26 -16.44 14.93 -13.21
CA THR B 26 -17.16 14.84 -14.47
C THR B 26 -16.41 13.89 -15.38
N ILE B 27 -16.93 12.68 -15.54
CA ILE B 27 -16.30 11.69 -16.43
C ILE B 27 -16.92 11.81 -17.82
N ALA B 28 -18.22 11.57 -17.89
CA ALA B 28 -18.96 11.60 -19.15
C ALA B 28 -19.97 12.75 -19.20
N GLN B 29 -20.45 13.17 -18.04
CA GLN B 29 -21.36 14.30 -17.95
C GLN B 29 -21.14 15.01 -16.63
N ASP B 30 -21.64 16.24 -16.52
CA ASP B 30 -21.37 17.07 -15.35
C ASP B 30 -21.73 16.39 -14.03
N LYS B 31 -20.75 16.34 -13.13
CA LYS B 31 -20.95 15.87 -11.77
C LYS B 31 -21.58 14.48 -11.71
N ASP B 32 -21.08 13.59 -12.56
CA ASP B 32 -21.57 12.22 -12.59
C ASP B 32 -20.89 11.28 -11.59
N SER B 33 -19.98 11.82 -10.77
CA SER B 33 -19.21 10.94 -9.89
C SER B 33 -18.61 11.69 -8.70
N LYS B 34 -18.29 10.92 -7.64
CA LYS B 34 -17.52 11.40 -6.50
C LYS B 34 -16.20 10.65 -6.51
N LEU B 35 -15.13 11.37 -6.78
CA LEU B 35 -13.78 10.86 -6.61
C LEU B 35 -13.40 11.21 -5.17
N THR B 36 -13.11 10.21 -4.34
CA THR B 36 -12.58 10.50 -3.00
C THR B 36 -11.08 10.28 -3.04
N LEU B 37 -10.32 11.36 -2.86
CA LEU B 37 -8.86 11.29 -2.97
C LEU B 37 -8.28 12.02 -1.79
N VAL B 38 -7.40 11.37 -1.04
CA VAL B 38 -6.74 11.97 0.10
C VAL B 38 -5.24 11.82 -0.11
N LEU B 39 -4.52 12.95 -0.11
CA LEU B 39 -3.07 12.94 -0.26
C LEU B 39 -2.49 13.47 1.04
N THR B 40 -1.74 12.64 1.74
CA THR B 40 -1.13 13.04 2.99
C THR B 40 0.38 13.05 2.86
N LYS B 41 0.98 14.17 3.24
CA LYS B 41 2.42 14.33 3.04
C LYS B 41 3.18 13.71 4.20
N CYS B 42 3.99 12.72 3.87
CA CYS B 42 4.93 12.14 4.82
C CYS B 42 6.31 12.45 4.30
N GLY B 43 6.74 13.69 4.48
CA GLY B 43 8.02 14.15 3.97
C GLY B 43 8.14 13.93 2.47
N SER B 44 9.14 13.16 2.08
CA SER B 44 9.45 12.99 0.66
CA SER B 44 9.44 12.95 0.66
C SER B 44 8.48 12.07 -0.08
N GLN B 45 7.51 11.50 0.63
CA GLN B 45 6.52 10.64 0.00
C GLN B 45 5.12 11.11 0.31
N ILE B 46 4.26 11.05 -0.68
CA ILE B 46 2.84 11.32 -0.48
C ILE B 46 2.14 9.96 -0.35
N LEU B 47 1.40 9.80 0.74
CA LEU B 47 0.57 8.63 0.95
C LEU B 47 -0.81 8.96 0.40
N ALA B 48 -1.29 8.16 -0.54
CA ALA B 48 -2.53 8.46 -1.25
C ALA B 48 -3.55 7.37 -1.02
N ASN B 49 -4.79 7.82 -0.87
CA ASN B 49 -5.91 6.88 -0.71
C ASN B 49 -7.02 7.29 -1.68
N VAL B 50 -7.54 6.35 -2.46
CA VAL B 50 -8.52 6.72 -3.50
C VAL B 50 -9.67 5.74 -3.60
N SER B 51 -10.85 6.25 -3.94
CA SER B 51 -12.00 5.43 -4.32
C SER B 51 -12.88 6.26 -5.24
N LEU B 52 -13.83 5.61 -5.88
CA LEU B 52 -14.70 6.27 -6.84
C LEU B 52 -16.15 5.78 -6.70
N ILE B 53 -17.08 6.73 -6.72
CA ILE B 53 -18.50 6.42 -6.80
C ILE B 53 -19.04 7.09 -8.05
N VAL B 54 -19.56 6.32 -9.00
CA VAL B 54 -20.21 6.97 -10.15
C VAL B 54 -21.69 6.99 -9.80
N VAL B 55 -22.35 8.14 -10.01
CA VAL B 55 -23.75 8.33 -9.60
C VAL B 55 -24.73 8.44 -10.76
N ALA B 56 -24.23 8.73 -11.95
CA ALA B 56 -25.13 8.97 -13.08
C ALA B 56 -24.37 8.81 -14.37
N GLY B 57 -25.10 8.76 -15.47
CA GLY B 57 -24.50 8.79 -16.79
C GLY B 57 -23.97 7.44 -17.25
N LYS B 58 -23.17 7.52 -18.31
CA LYS B 58 -22.66 6.38 -19.05
C LYS B 58 -21.95 5.32 -18.21
N TYR B 59 -21.25 5.75 -17.17
CA TYR B 59 -20.47 4.82 -16.37
C TYR B 59 -21.12 4.42 -15.05
N HIS B 60 -22.38 4.83 -14.82
CA HIS B 60 -23.05 4.52 -13.58
C HIS B 60 -23.40 3.04 -13.45
N ILE B 61 -24.14 2.50 -14.43
CA ILE B 61 -24.54 1.10 -14.41
C ILE B 61 -23.91 0.43 -15.63
N ILE B 62 -22.94 -0.44 -15.40
CA ILE B 62 -22.25 -1.10 -16.49
C ILE B 62 -23.05 -2.31 -16.97
N ASN B 63 -23.33 -2.36 -18.26
CA ASN B 63 -23.91 -3.58 -18.82
C ASN B 63 -23.21 -3.87 -20.13
N ASN B 64 -22.25 -4.81 -20.09
CA ASN B 64 -21.44 -5.14 -21.25
C ASN B 64 -22.10 -6.16 -22.18
N LYS B 65 -23.28 -6.64 -21.82
CA LYS B 65 -24.07 -7.40 -22.78
C LYS B 65 -24.69 -6.42 -23.77
N THR B 66 -25.25 -5.32 -23.25
CA THR B 66 -25.86 -4.32 -24.10
C THR B 66 -24.84 -3.35 -24.72
N ASN B 67 -23.75 -3.06 -23.99
CA ASN B 67 -22.71 -2.14 -24.44
C ASN B 67 -21.35 -2.79 -24.29
N PRO B 68 -20.99 -3.68 -25.21
CA PRO B 68 -19.76 -4.44 -24.99
C PRO B 68 -18.48 -3.60 -25.06
N LYS B 69 -18.56 -2.40 -25.62
CA LYS B 69 -17.36 -1.56 -25.76
C LYS B 69 -17.08 -0.64 -24.57
N ILE B 70 -17.96 -0.61 -23.58
CA ILE B 70 -17.71 0.24 -22.42
C ILE B 70 -16.85 -0.55 -21.43
N LYS B 71 -15.53 -0.33 -21.48
CA LYS B 71 -14.57 -1.15 -20.75
C LYS B 71 -13.55 -0.33 -19.94
N SER B 72 -13.59 0.99 -20.08
CA SER B 72 -12.60 1.84 -19.44
C SER B 72 -12.94 3.31 -19.51
N PHE B 73 -12.38 4.08 -18.57
CA PHE B 73 -12.50 5.54 -18.58
C PHE B 73 -11.36 6.14 -17.76
N THR B 74 -11.13 7.44 -17.93
CA THR B 74 -10.03 8.11 -17.27
C THR B 74 -10.45 9.38 -16.53
N ILE B 75 -9.86 9.57 -15.35
CA ILE B 75 -10.08 10.77 -14.56
C ILE B 75 -8.71 11.45 -14.42
N LYS B 76 -8.62 12.69 -14.91
CA LYS B 76 -7.35 13.41 -14.89
C LYS B 76 -7.34 14.57 -13.92
N LEU B 77 -6.26 14.66 -13.14
CA LEU B 77 -5.97 15.84 -12.31
C LEU B 77 -4.73 16.50 -12.89
N LEU B 78 -4.90 17.73 -13.35
CA LEU B 78 -3.81 18.48 -13.97
C LEU B 78 -3.48 19.66 -13.09
N PHE B 79 -2.20 19.94 -12.87
CA PHE B 79 -1.76 21.00 -11.96
C PHE B 79 -0.79 21.97 -12.61
N ASN B 80 -0.85 23.22 -12.19
CA ASN B 80 0.12 24.23 -12.63
C ASN B 80 1.44 24.21 -11.82
N LYS B 81 2.34 25.16 -12.08
CA LYS B 81 3.67 25.16 -11.44
C LYS B 81 3.60 25.30 -9.92
N ASN B 82 2.46 25.77 -9.42
CA ASN B 82 2.28 25.94 -7.99
C ASN B 82 1.50 24.82 -7.34
N GLY B 83 1.19 23.79 -8.13
CA GLY B 83 0.44 22.66 -7.62
C GLY B 83 -1.05 22.93 -7.53
N VAL B 84 -1.51 23.98 -8.19
CA VAL B 84 -2.93 24.33 -8.21
C VAL B 84 -3.66 23.54 -9.31
N LEU B 85 -4.80 22.97 -8.96
CA LEU B 85 -5.60 22.18 -9.91
C LEU B 85 -6.10 23.08 -11.04
N LEU B 86 -5.95 22.60 -12.27
CA LEU B 86 -6.45 23.32 -13.45
C LEU B 86 -7.87 22.89 -13.79
N ASP B 87 -8.67 23.82 -14.28
CA ASP B 87 -10.10 23.59 -14.44
C ASP B 87 -10.49 22.68 -15.59
N ASN B 88 -9.56 22.27 -16.45
CA ASN B 88 -10.02 21.19 -17.32
C ASN B 88 -9.69 19.78 -16.83
N SER B 89 -9.26 19.69 -15.58
CA SER B 89 -9.25 18.41 -14.86
C SER B 89 -10.68 17.90 -14.77
N ASN B 90 -10.84 16.59 -14.67
CA ASN B 90 -12.17 16.03 -14.43
C ASN B 90 -12.72 16.36 -13.04
N LEU B 91 -11.83 16.54 -12.07
CA LEU B 91 -12.21 16.88 -10.69
C LEU B 91 -12.45 18.38 -10.63
N GLY B 92 -13.56 18.80 -10.05
CA GLY B 92 -13.84 20.24 -9.87
C GLY B 92 -12.97 20.91 -8.82
N LYS B 93 -12.66 22.18 -9.03
CA LYS B 93 -11.75 22.91 -8.14
C LYS B 93 -12.34 23.25 -6.77
N ALA B 94 -13.66 23.38 -6.70
CA ALA B 94 -14.31 23.96 -5.53
C ALA B 94 -14.02 23.25 -4.22
N TYR B 95 -13.97 21.92 -4.24
CA TYR B 95 -13.68 21.22 -2.99
C TYR B 95 -12.45 20.32 -3.04
N TRP B 96 -11.46 20.72 -3.83
CA TRP B 96 -10.11 20.18 -3.73
C TRP B 96 -9.26 21.19 -2.95
N ASN B 97 -8.88 20.86 -1.72
CA ASN B 97 -8.21 21.83 -0.84
C ASN B 97 -7.59 21.15 0.36
N PHE B 98 -6.81 21.91 1.13
CA PHE B 98 -6.28 21.42 2.38
C PHE B 98 -7.41 21.18 3.37
N ARG B 99 -7.23 20.12 4.15
CA ARG B 99 -8.21 19.69 5.15
CA ARG B 99 -8.23 19.70 5.13
C ARG B 99 -8.38 20.68 6.29
N SER B 100 -9.62 20.84 6.74
CA SER B 100 -9.93 21.47 8.00
C SER B 100 -11.09 20.65 8.57
N GLY B 101 -10.82 19.86 9.61
CA GLY B 101 -11.82 18.93 10.13
C GLY B 101 -12.27 17.94 9.06
N ASN B 102 -13.58 17.76 8.90
CA ASN B 102 -14.08 16.91 7.82
C ASN B 102 -14.41 17.72 6.59
N SER B 103 -13.95 18.98 6.60
CA SER B 103 -14.18 19.88 5.49
C SER B 103 -12.85 20.42 4.93
N ASN B 104 -12.90 21.59 4.31
CA ASN B 104 -11.70 22.24 3.78
C ASN B 104 -11.41 23.57 4.44
N VAL B 105 -10.18 24.04 4.25
CA VAL B 105 -9.87 25.42 4.65
C VAL B 105 -10.74 26.38 3.84
N SER B 106 -10.92 27.60 4.35
CA SER B 106 -11.92 28.51 3.81
C SER B 106 -11.52 29.09 2.45
N THR B 107 -10.24 29.39 2.31
CA THR B 107 -9.75 30.01 1.10
C THR B 107 -9.06 28.96 0.21
N ALA B 108 -9.16 29.12 -1.10
CA ALA B 108 -8.49 28.21 -2.02
C ALA B 108 -6.99 28.34 -1.84
N TYR B 109 -6.27 27.21 -1.89
CA TYR B 109 -4.84 27.26 -1.65
C TYR B 109 -4.08 27.83 -2.82
N GLU B 110 -2.92 28.42 -2.53
CA GLU B 110 -2.14 29.05 -3.58
C GLU B 110 -0.91 28.24 -3.97
N LYS B 111 -0.44 27.37 -3.06
CA LYS B 111 0.77 26.57 -3.30
C LYS B 111 0.63 25.19 -2.67
N ALA B 112 1.01 24.17 -3.42
CA ALA B 112 1.02 22.79 -2.92
C ALA B 112 2.08 21.98 -3.66
N ILE B 113 3.24 22.59 -3.93
CA ILE B 113 4.30 21.89 -4.67
C ILE B 113 4.81 20.65 -3.94
N GLY B 114 4.82 20.71 -2.60
CA GLY B 114 5.15 19.56 -1.77
C GLY B 114 4.29 18.32 -1.96
N PHE B 115 3.16 18.48 -2.65
CA PHE B 115 2.24 17.37 -2.93
C PHE B 115 2.32 16.87 -4.36
N MET B 116 3.12 17.54 -5.20
CA MET B 116 3.20 17.17 -6.61
C MET B 116 4.14 15.98 -6.84
N PRO B 117 3.84 15.18 -7.88
CA PRO B 117 4.72 14.05 -8.18
C PRO B 117 6.09 14.55 -8.66
N ASN B 118 7.16 14.01 -8.12
CA ASN B 118 8.53 14.44 -8.42
C ASN B 118 8.86 14.35 -9.93
N LEU B 119 9.35 15.43 -10.51
CA LEU B 119 9.58 15.47 -11.97
C LEU B 119 10.83 14.70 -12.40
N VAL B 120 11.79 14.55 -11.51
CA VAL B 120 12.95 13.70 -11.85
C VAL B 120 12.53 12.22 -11.82
N ALA B 121 11.77 11.84 -10.80
CA ALA B 121 11.25 10.49 -10.74
C ALA B 121 10.31 10.20 -11.90
N TYR B 122 9.45 11.17 -12.21
CA TYR B 122 8.35 10.98 -13.15
C TYR B 122 8.36 12.14 -14.16
N PRO B 123 9.25 12.08 -15.16
CA PRO B 123 9.35 13.22 -16.08
C PRO B 123 8.16 13.35 -17.01
N LYS B 124 7.92 14.57 -17.50
CA LYS B 124 6.94 14.82 -18.53
C LYS B 124 7.32 14.07 -19.81
N PRO B 125 6.33 13.85 -20.70
CA PRO B 125 6.70 13.19 -21.95
C PRO B 125 7.75 14.00 -22.67
N SER B 126 8.65 13.30 -23.33
CA SER B 126 9.67 13.95 -24.13
C SER B 126 10.18 12.95 -25.16
N ASN B 127 11.30 13.29 -25.76
CA ASN B 127 11.92 12.43 -26.76
C ASN B 127 12.80 11.38 -26.10
N SER B 128 13.01 11.53 -24.80
CA SER B 128 13.87 10.63 -24.06
C SER B 128 13.12 9.37 -23.63
N LYS B 129 13.86 8.34 -23.25
CA LYS B 129 13.22 7.07 -22.88
C LYS B 129 12.18 7.21 -21.76
N LYS B 130 11.03 6.60 -21.98
CA LYS B 130 9.93 6.62 -21.02
C LYS B 130 10.04 5.39 -20.12
N TYR B 131 10.13 5.62 -18.81
CA TYR B 131 10.17 4.51 -17.87
C TYR B 131 8.83 4.21 -17.20
N ALA B 132 8.65 2.94 -16.87
CA ALA B 132 7.40 2.46 -16.29
C ALA B 132 7.23 2.88 -14.83
N ARG B 133 8.26 3.43 -14.19
CA ARG B 133 8.15 3.72 -12.75
C ARG B 133 7.15 4.81 -12.42
N ASP B 134 6.71 5.56 -13.44
CA ASP B 134 5.66 6.58 -13.29
C ASP B 134 4.24 6.04 -13.27
N ILE B 135 4.11 4.71 -13.18
CA ILE B 135 2.81 4.06 -13.11
C ILE B 135 2.73 3.20 -11.85
N VAL B 136 1.57 3.22 -11.21
CA VAL B 136 1.25 2.23 -10.17
CA VAL B 136 1.28 2.21 -10.20
C VAL B 136 -0.04 1.55 -10.55
N TYR B 137 -0.07 0.22 -10.52
CA TYR B 137 -1.30 -0.53 -10.74
C TYR B 137 -1.89 -1.03 -9.42
N GLY B 138 -3.21 -1.03 -9.34
CA GLY B 138 -3.91 -1.70 -8.26
C GLY B 138 -5.21 -2.27 -8.78
N THR B 139 -5.84 -3.13 -7.98
CA THR B 139 -7.17 -3.65 -8.31
C THR B 139 -8.13 -3.22 -7.22
N ILE B 140 -9.28 -2.70 -7.63
CA ILE B 140 -10.37 -2.43 -6.67
C ILE B 140 -11.59 -3.29 -7.07
N TYR B 141 -12.66 -3.23 -6.27
CA TYR B 141 -13.76 -4.19 -6.47
C TYR B 141 -15.08 -3.45 -6.50
N LEU B 142 -15.84 -3.66 -7.57
CA LEU B 142 -17.12 -2.98 -7.73
C LEU B 142 -18.14 -3.51 -6.73
N GLY B 143 -18.80 -2.59 -6.01
CA GLY B 143 -19.81 -3.00 -5.05
C GLY B 143 -19.23 -3.74 -3.86
N GLY B 144 -17.91 -3.72 -3.75
CA GLY B 144 -17.27 -4.51 -2.72
C GLY B 144 -17.30 -6.01 -2.94
N LYS B 145 -17.66 -6.46 -4.15
CA LYS B 145 -17.78 -7.91 -4.39
C LYS B 145 -16.45 -8.46 -4.90
N PRO B 146 -15.96 -9.54 -4.28
CA PRO B 146 -14.60 -10.00 -4.61
C PRO B 146 -14.51 -10.55 -6.03
N ASP B 147 -15.63 -10.91 -6.65
CA ASP B 147 -15.59 -11.37 -8.04
C ASP B 147 -15.88 -10.26 -9.04
N GLN B 148 -15.79 -9.01 -8.62
CA GLN B 148 -15.98 -7.88 -9.54
C GLN B 148 -14.77 -6.95 -9.55
N PRO B 149 -13.58 -7.48 -9.91
CA PRO B 149 -12.41 -6.61 -10.01
C PRO B 149 -12.45 -5.60 -11.14
N ALA B 150 -11.80 -4.47 -10.91
CA ALA B 150 -11.49 -3.55 -12.00
C ALA B 150 -10.09 -3.01 -11.68
N VAL B 151 -9.34 -2.72 -12.73
CA VAL B 151 -7.98 -2.22 -12.54
C VAL B 151 -7.98 -0.70 -12.45
N ILE B 152 -7.29 -0.20 -11.43
CA ILE B 152 -6.98 1.23 -11.34
C ILE B 152 -5.49 1.42 -11.68
N LYS B 153 -5.25 2.12 -12.78
CA LYS B 153 -3.90 2.45 -13.23
C LYS B 153 -3.67 3.93 -12.98
N THR B 154 -2.68 4.26 -12.16
CA THR B 154 -2.40 5.64 -11.81
C THR B 154 -1.09 6.04 -12.46
N THR B 155 -1.07 7.16 -13.19
CA THR B 155 0.13 7.60 -13.92
C THR B 155 0.48 9.03 -13.51
N PHE B 156 1.76 9.26 -13.24
CA PHE B 156 2.27 10.55 -12.82
C PHE B 156 2.95 11.34 -13.93
N ASN B 157 2.53 12.60 -14.08
CA ASN B 157 3.19 13.57 -14.96
C ASN B 157 3.29 13.15 -16.43
N GLN B 158 2.25 12.52 -16.96
CA GLN B 158 2.27 12.13 -18.37
C GLN B 158 1.30 12.93 -19.23
N GLU B 159 0.59 13.88 -18.62
CA GLU B 159 -0.27 14.79 -19.38
C GLU B 159 0.46 16.04 -19.85
N THR B 160 0.03 16.59 -20.97
CA THR B 160 0.60 17.84 -21.42
C THR B 160 -0.30 18.99 -21.00
N GLY B 161 0.11 20.22 -21.28
CA GLY B 161 -0.67 21.39 -20.91
C GLY B 161 -0.75 21.63 -19.42
N CYS B 162 0.29 21.21 -18.71
CA CYS B 162 0.34 21.32 -17.25
C CYS B 162 1.77 21.11 -16.80
N GLU B 163 2.07 21.46 -15.56
CA GLU B 163 3.39 21.16 -15.00
C GLU B 163 3.44 19.79 -14.34
N TYR B 164 2.33 19.36 -13.74
CA TYR B 164 2.24 18.08 -13.08
C TYR B 164 0.89 17.47 -13.39
N SER B 165 0.79 16.14 -13.26
CA SER B 165 -0.51 15.50 -13.37
C SER B 165 -0.60 14.16 -12.61
N ILE B 166 -1.80 13.83 -12.19
CA ILE B 166 -2.09 12.49 -11.68
C ILE B 166 -3.29 12.02 -12.46
N THR B 167 -3.19 10.88 -13.11
CA THR B 167 -4.35 10.38 -13.83
C THR B 167 -4.72 8.98 -13.36
N PHE B 168 -6.02 8.74 -13.27
CA PHE B 168 -6.54 7.44 -12.87
C PHE B 168 -7.30 6.84 -14.03
N ASN B 169 -6.78 5.74 -14.57
CA ASN B 169 -7.51 4.98 -15.56
C ASN B 169 -8.16 3.76 -14.93
N PHE B 170 -9.47 3.65 -15.09
CA PHE B 170 -10.23 2.51 -14.58
C PHE B 170 -10.58 1.61 -15.76
N SER B 171 -10.35 0.31 -15.62
CA SER B 171 -10.69 -0.60 -16.72
C SER B 171 -11.06 -1.97 -16.21
N TRP B 172 -11.76 -2.72 -17.03
CA TRP B 172 -12.12 -4.06 -16.60
C TRP B 172 -12.17 -5.00 -17.79
N SER B 173 -12.04 -6.28 -17.49
CA SER B 173 -11.96 -7.27 -18.54
C SER B 173 -13.09 -8.31 -18.48
N LYS B 174 -13.88 -8.30 -17.43
CA LYS B 174 -15.06 -9.16 -17.36
C LYS B 174 -16.29 -8.51 -18.00
N THR B 175 -17.25 -9.35 -18.37
CA THR B 175 -18.49 -8.87 -18.95
C THR B 175 -19.49 -8.63 -17.83
N TYR B 176 -19.56 -7.39 -17.34
CA TYR B 176 -20.45 -7.11 -16.20
C TYR B 176 -21.85 -6.77 -16.68
N GLU B 177 -22.85 -7.28 -15.94
CA GLU B 177 -24.25 -7.07 -16.33
C GLU B 177 -24.99 -6.34 -15.22
N ASN B 178 -25.26 -5.05 -15.46
CA ASN B 178 -25.94 -4.19 -14.49
C ASN B 178 -25.20 -4.05 -13.17
N VAL B 179 -23.91 -3.77 -13.27
CA VAL B 179 -23.09 -3.58 -12.08
C VAL B 179 -22.80 -2.08 -11.90
N GLU B 180 -23.17 -1.55 -10.75
CA GLU B 180 -22.96 -0.14 -10.47
C GLU B 180 -21.49 0.12 -10.24
N PHE B 181 -20.94 1.16 -10.85
CA PHE B 181 -19.50 1.45 -10.72
C PHE B 181 -19.22 2.27 -9.45
N GLU B 182 -19.05 1.57 -8.32
CA GLU B 182 -18.68 2.22 -7.05
C GLU B 182 -17.71 1.27 -6.39
N THR B 183 -16.57 1.80 -5.99
CA THR B 183 -15.42 0.95 -5.72
C THR B 183 -15.01 0.82 -4.26
N THR B 184 -14.27 -0.24 -3.96
CA THR B 184 -13.50 -0.28 -2.74
C THR B 184 -12.31 0.73 -2.80
N SER B 185 -11.58 0.86 -1.71
CA SER B 185 -10.49 1.84 -1.64
C SER B 185 -9.14 1.23 -1.93
N PHE B 186 -8.22 2.06 -2.41
CA PHE B 186 -6.84 1.61 -2.73
C PHE B 186 -5.86 2.64 -2.21
N THR B 187 -4.77 2.17 -1.62
CA THR B 187 -3.70 3.02 -1.11
C THR B 187 -2.43 2.86 -1.93
N PHE B 188 -1.74 3.95 -2.21
CA PHE B 188 -0.43 3.88 -2.88
C PHE B 188 0.40 5.03 -2.38
N SER B 189 1.65 5.14 -2.81
CA SER B 189 2.43 6.33 -2.50
C SER B 189 3.19 6.76 -3.74
N TYR B 190 3.74 7.97 -3.69
CA TYR B 190 4.63 8.44 -4.75
C TYR B 190 5.64 9.42 -4.19
N ILE B 191 6.72 9.61 -4.94
CA ILE B 191 7.80 10.48 -4.53
C ILE B 191 7.38 11.94 -4.76
N ALA B 192 7.52 12.76 -3.73
CA ALA B 192 7.13 14.17 -3.81
C ALA B 192 8.19 15.07 -4.48
N GLN B 193 7.71 16.10 -5.17
CA GLN B 193 8.58 17.07 -5.84
C GLN B 193 9.53 17.80 -4.89
N GLU B 194 9.02 18.17 -3.72
CA GLU B 194 9.88 18.74 -2.70
C GLU B 194 9.39 18.36 -1.30
N THR C 12 3.35 11.24 14.43
CA THR C 12 2.93 10.95 15.80
C THR C 12 2.84 9.45 16.05
N ARG C 13 1.94 9.02 16.93
CA ARG C 13 2.17 7.77 17.60
C ARG C 13 1.70 6.53 16.85
N THR C 14 1.90 5.42 17.52
CA THR C 14 1.58 4.12 17.00
C THR C 14 0.80 3.38 18.05
N LEU C 15 -0.35 2.84 17.63
CA LEU C 15 -1.06 1.84 18.41
C LEU C 15 -0.69 0.52 17.82
N TRP C 16 -0.38 -0.44 18.69
CA TRP C 16 0.00 -1.75 18.17
C TRP C 16 -0.25 -2.86 19.15
N THR C 17 -0.15 -4.06 18.61
CA THR C 17 0.07 -5.27 19.34
C THR C 17 1.62 -5.37 19.21
N THR C 18 2.31 -5.55 20.31
CA THR C 18 3.73 -5.76 20.25
C THR C 18 4.00 -6.88 19.23
N PRO C 19 5.12 -6.79 18.54
CA PRO C 19 5.37 -7.69 17.42
C PRO C 19 5.95 -9.04 17.80
N ASP C 20 5.63 -9.56 18.98
CA ASP C 20 6.14 -10.86 19.38
C ASP C 20 5.24 -11.98 18.82
N THR C 21 5.35 -13.21 19.32
CA THR C 21 4.47 -14.27 18.82
C THR C 21 3.52 -14.82 19.89
N SER C 22 3.38 -14.11 20.99
CA SER C 22 2.52 -14.56 22.08
C SER C 22 1.05 -14.38 21.69
N PRO C 23 0.25 -15.46 21.71
CA PRO C 23 -1.15 -15.38 21.28
C PRO C 23 -1.95 -14.28 22.00
N ASN C 24 -2.75 -13.54 21.23
CA ASN C 24 -3.44 -12.38 21.78
C ASN C 24 -4.87 -12.28 21.29
N CYS C 25 -5.33 -13.31 20.61
CA CYS C 25 -6.54 -13.21 19.84
C CYS C 25 -7.31 -14.53 19.88
N THR C 26 -8.63 -14.44 19.85
CA THR C 26 -9.48 -15.62 19.95
C THR C 26 -10.40 -15.67 18.76
N ILE C 27 -10.18 -16.61 17.85
CA ILE C 27 -11.04 -16.81 16.69
C ILE C 27 -12.11 -17.88 17.00
N ALA C 28 -11.67 -19.11 17.21
CA ALA C 28 -12.56 -20.25 17.47
C ALA C 28 -12.45 -20.76 18.90
N GLN C 29 -11.29 -20.58 19.49
CA GLN C 29 -11.06 -20.97 20.88
C GLN C 29 -10.07 -20.01 21.51
N ASP C 30 -10.05 -19.97 22.84
CA ASP C 30 -9.29 -18.95 23.55
C ASP C 30 -7.81 -18.91 23.14
N LYS C 31 -7.36 -17.72 22.76
CA LYS C 31 -5.96 -17.45 22.46
C LYS C 31 -5.39 -18.39 21.41
N ASP C 32 -6.14 -18.59 20.34
CA ASP C 32 -5.73 -19.51 19.30
C ASP C 32 -4.90 -18.82 18.24
N SER C 33 -4.65 -17.51 18.40
CA SER C 33 -3.97 -16.78 17.33
C SER C 33 -3.21 -15.56 17.83
N LYS C 34 -2.22 -15.11 17.05
CA LYS C 34 -1.51 -13.87 17.27
C LYS C 34 -1.80 -12.95 16.08
N LEU C 35 -2.59 -11.91 16.31
CA LEU C 35 -2.77 -10.87 15.30
C LEU C 35 -1.64 -9.86 15.54
N THR C 36 -0.87 -9.57 14.49
CA THR C 36 0.08 -8.47 14.58
C THR C 36 -0.46 -7.31 13.79
N LEU C 37 -0.82 -6.22 14.50
CA LEU C 37 -1.44 -5.05 13.86
C LEU C 37 -0.72 -3.83 14.38
N VAL C 38 -0.26 -3.01 13.45
CA VAL C 38 0.42 -1.75 13.77
C VAL C 38 -0.31 -0.63 13.03
N LEU C 39 -0.78 0.38 13.79
CA LEU C 39 -1.48 1.53 13.22
C LEU C 39 -0.63 2.74 13.55
N THR C 40 -0.17 3.43 12.52
CA THR C 40 0.67 4.61 12.73
C THR C 40 -0.03 5.81 12.14
N LYS C 41 -0.13 6.88 12.93
CA LYS C 41 -0.88 8.04 12.50
C LYS C 41 0.03 8.95 11.67
N CYS C 42 -0.38 9.14 10.44
CA CYS C 42 0.26 10.10 9.55
C CYS C 42 -0.78 11.17 9.21
N GLY C 43 -0.99 12.10 10.13
CA GLY C 43 -2.01 13.10 9.97
C GLY C 43 -3.37 12.50 9.70
N SER C 44 -3.96 12.89 8.58
CA SER C 44 -5.32 12.49 8.28
C SER C 44 -5.50 11.07 7.79
N GLN C 45 -4.40 10.33 7.65
CA GLN C 45 -4.49 8.91 7.31
C GLN C 45 -3.77 8.09 8.34
N ILE C 46 -4.32 6.90 8.60
CA ILE C 46 -3.65 5.90 9.39
C ILE C 46 -2.99 4.90 8.46
N LEU C 47 -1.69 4.68 8.64
CA LEU C 47 -0.95 3.66 7.87
C LEU C 47 -0.99 2.36 8.70
N ALA C 48 -1.53 1.30 8.10
CA ALA C 48 -1.78 0.04 8.86
C ALA C 48 -0.93 -1.09 8.29
N ASN C 49 -0.45 -1.95 9.16
CA ASN C 49 0.33 -3.12 8.74
C ASN C 49 -0.20 -4.31 9.52
N VAL C 50 -0.55 -5.40 8.83
CA VAL C 50 -1.22 -6.52 9.50
C VAL C 50 -0.68 -7.88 9.04
N SER C 51 -0.62 -8.84 9.97
CA SER C 51 -0.36 -10.25 9.63
C SER C 51 -1.02 -11.10 10.71
N LEU C 52 -1.13 -12.41 10.47
CA LEU C 52 -1.80 -13.29 11.39
C LEU C 52 -1.09 -14.62 11.51
N ILE C 53 -0.96 -15.11 12.73
CA ILE C 53 -0.46 -16.48 13.00
C ILE C 53 -1.55 -17.22 13.77
N VAL C 54 -2.10 -18.29 13.22
CA VAL C 54 -3.05 -19.09 14.00
C VAL C 54 -2.23 -20.22 14.62
N VAL C 55 -2.23 -20.31 15.94
CA VAL C 55 -1.33 -21.21 16.65
C VAL C 55 -1.96 -22.54 17.07
N ALA C 56 -3.30 -22.63 17.05
CA ALA C 56 -3.97 -23.81 17.57
C ALA C 56 -5.42 -23.77 17.16
N GLY C 57 -6.12 -24.87 17.38
CA GLY C 57 -7.55 -24.89 17.13
C GLY C 57 -7.96 -25.09 15.69
N LYS C 58 -9.24 -24.86 15.46
CA LYS C 58 -9.93 -25.11 14.20
C LYS C 58 -9.21 -24.57 12.96
N TYR C 59 -8.58 -23.40 13.09
CA TYR C 59 -8.01 -22.72 11.92
C TYR C 59 -6.49 -22.85 11.83
N HIS C 60 -5.88 -23.63 12.71
CA HIS C 60 -4.41 -23.76 12.72
C HIS C 60 -3.87 -24.45 11.48
N ILE C 61 -4.41 -25.63 11.18
CA ILE C 61 -4.09 -26.39 9.96
C ILE C 61 -5.34 -26.53 9.10
N ILE C 62 -5.27 -25.98 7.91
CA ILE C 62 -6.40 -26.04 6.99
C ILE C 62 -6.33 -27.33 6.18
N ASN C 63 -7.41 -28.11 6.20
CA ASN C 63 -7.49 -29.28 5.34
C ASN C 63 -8.88 -29.35 4.75
N ASN C 64 -9.01 -28.86 3.52
CA ASN C 64 -10.30 -28.80 2.88
C ASN C 64 -10.72 -30.10 2.20
N LYS C 65 -9.87 -31.12 2.27
CA LYS C 65 -10.31 -32.43 1.84
C LYS C 65 -11.11 -33.06 2.96
N THR C 66 -10.62 -32.93 4.19
CA THR C 66 -11.34 -33.45 5.33
C THR C 66 -12.47 -32.51 5.80
N ASN C 67 -12.28 -31.21 5.62
CA ASN C 67 -13.28 -30.22 6.01
C ASN C 67 -13.54 -29.20 4.90
N PRO C 68 -14.31 -29.59 3.89
CA PRO C 68 -14.47 -28.70 2.73
C PRO C 68 -15.18 -27.40 3.07
N LYS C 69 -15.90 -27.36 4.19
CA LYS C 69 -16.67 -26.17 4.59
C LYS C 69 -15.82 -25.06 5.24
N ILE C 70 -14.61 -25.37 5.70
CA ILE C 70 -13.83 -24.36 6.40
C ILE C 70 -13.07 -23.49 5.39
N LYS C 71 -13.61 -22.32 5.07
CA LYS C 71 -13.07 -21.49 4.00
C LYS C 71 -12.91 -20.02 4.37
N SER C 72 -13.28 -19.64 5.59
CA SER C 72 -13.19 -18.24 5.98
C SER C 72 -13.39 -18.07 7.48
N PHE C 73 -12.90 -16.94 8.02
CA PHE C 73 -13.18 -16.53 9.40
C PHE C 73 -12.91 -15.05 9.56
N THR C 74 -13.37 -14.48 10.66
CA THR C 74 -13.32 -13.04 10.87
C THR C 74 -12.74 -12.70 12.22
N ILE C 75 -11.89 -11.67 12.25
CA ILE C 75 -11.37 -11.06 13.46
C ILE C 75 -11.89 -9.62 13.53
N LYS C 76 -12.59 -9.28 14.62
CA LYS C 76 -13.20 -7.96 14.77
C LYS C 76 -12.56 -7.15 15.87
N LEU C 77 -12.26 -5.88 15.57
CA LEU C 77 -11.86 -4.89 16.55
C LEU C 77 -12.97 -3.86 16.68
N LEU C 78 -13.52 -3.73 17.88
CA LEU C 78 -14.68 -2.87 18.14
C LEU C 78 -14.20 -1.77 19.10
N PHE C 79 -14.56 -0.51 18.85
CA PHE C 79 -14.07 0.59 19.69
C PHE C 79 -15.23 1.48 20.14
N ASN C 80 -15.05 2.07 21.32
CA ASN C 80 -16.03 3.02 21.83
C ASN C 80 -15.79 4.44 21.33
N LYS C 81 -16.53 5.41 21.85
CA LYS C 81 -16.43 6.79 21.35
C LYS C 81 -15.08 7.43 21.60
N ASN C 82 -14.31 6.87 22.53
CA ASN C 82 -12.96 7.36 22.81
C ASN C 82 -11.87 6.60 22.07
N GLY C 83 -12.28 5.67 21.21
CA GLY C 83 -11.31 4.87 20.46
C GLY C 83 -10.71 3.75 21.30
N VAL C 84 -11.33 3.41 22.42
CA VAL C 84 -10.89 2.34 23.30
C VAL C 84 -11.47 0.99 22.84
N LEU C 85 -10.63 -0.04 22.81
CA LEU C 85 -11.06 -1.37 22.34
C LEU C 85 -12.09 -2.00 23.30
N LEU C 86 -13.18 -2.54 22.75
CA LEU C 86 -14.25 -3.16 23.54
C LEU C 86 -14.05 -4.66 23.71
N ASP C 87 -14.49 -5.19 24.84
CA ASP C 87 -14.22 -6.58 25.20
C ASP C 87 -14.84 -7.67 24.30
N ASN C 88 -15.83 -7.31 23.48
CA ASN C 88 -16.33 -8.28 22.48
C ASN C 88 -15.41 -8.46 21.26
N SER C 89 -14.34 -7.66 21.17
CA SER C 89 -13.34 -7.80 20.11
C SER C 89 -12.64 -9.15 20.23
N ASN C 90 -12.23 -9.70 19.09
CA ASN C 90 -11.44 -10.94 19.10
C ASN C 90 -10.07 -10.74 19.71
N LEU C 91 -9.50 -9.56 19.50
CA LEU C 91 -8.23 -9.17 20.09
C LEU C 91 -8.40 -8.86 21.57
N GLY C 92 -7.55 -9.43 22.42
CA GLY C 92 -7.62 -9.16 23.86
C GLY C 92 -7.20 -7.76 24.23
N LYS C 93 -7.90 -7.15 25.19
CA LYS C 93 -7.65 -5.75 25.55
C LYS C 93 -6.24 -5.51 26.11
N ALA C 94 -5.72 -6.49 26.82
CA ALA C 94 -4.41 -6.31 27.46
C ALA C 94 -3.28 -6.18 26.45
N TYR C 95 -3.55 -6.53 25.20
CA TYR C 95 -2.52 -6.61 24.15
C TYR C 95 -2.50 -5.42 23.20
N TRP C 96 -3.32 -4.41 23.45
CA TRP C 96 -3.51 -3.34 22.48
C TRP C 96 -3.27 -2.01 23.16
N ASN C 97 -2.25 -1.26 22.73
CA ASN C 97 -1.88 -0.02 23.43
C ASN C 97 -0.92 0.78 22.56
N PHE C 98 -0.60 1.99 22.98
CA PHE C 98 0.44 2.76 22.33
C PHE C 98 1.80 2.09 22.55
N ARG C 99 2.65 2.19 21.54
CA ARG C 99 3.99 1.65 21.59
C ARG C 99 4.83 2.38 22.63
N SER C 100 5.56 1.59 23.41
CA SER C 100 6.67 2.03 24.24
C SER C 100 7.82 1.03 23.99
N GLY C 101 8.79 1.42 23.17
CA GLY C 101 9.88 0.52 22.79
C GLY C 101 9.37 -0.66 21.97
N ASN C 102 9.74 -1.88 22.33
CA ASN C 102 9.16 -3.06 21.69
C ASN C 102 7.98 -3.59 22.49
N SER C 103 7.50 -2.79 23.44
CA SER C 103 6.39 -3.18 24.29
C SER C 103 5.26 -2.16 24.21
N ASN C 104 4.42 -2.15 25.26
CA ASN C 104 3.29 -1.24 25.40
C ASN C 104 3.45 -0.39 26.63
N VAL C 105 2.76 0.76 26.66
CA VAL C 105 2.63 1.55 27.88
C VAL C 105 2.01 0.64 28.95
N SER C 106 2.35 0.86 30.23
CA SER C 106 1.95 -0.04 31.32
C SER C 106 0.50 0.09 31.78
N THR C 107 -0.13 1.17 31.35
CA THR C 107 -1.50 1.46 31.73
C THR C 107 -2.31 1.60 30.44
N ALA C 108 -3.54 1.09 30.43
CA ALA C 108 -4.41 1.21 29.26
C ALA C 108 -4.63 2.66 28.83
N TYR C 109 -4.64 2.93 27.53
CA TYR C 109 -4.86 4.30 27.06
C TYR C 109 -6.31 4.72 27.27
N GLU C 110 -6.54 6.02 27.42
CA GLU C 110 -7.89 6.53 27.60
C GLU C 110 -8.52 7.08 26.33
N LYS C 111 -7.70 7.53 25.38
CA LYS C 111 -8.22 8.18 24.17
C LYS C 111 -7.35 7.85 22.95
N ALA C 112 -7.99 7.51 21.84
CA ALA C 112 -7.29 7.30 20.57
C ALA C 112 -8.21 7.60 19.38
N ILE C 113 -9.00 8.66 19.51
CA ILE C 113 -9.95 9.00 18.46
C ILE C 113 -9.24 9.34 17.14
N GLY C 114 -8.02 9.87 17.23
CA GLY C 114 -7.22 10.15 16.04
C GLY C 114 -6.84 8.92 15.23
N PHE C 115 -7.04 7.73 15.78
CA PHE C 115 -6.71 6.48 15.10
C PHE C 115 -7.96 5.78 14.58
N MET C 116 -9.13 6.36 14.81
CA MET C 116 -10.39 5.70 14.42
C MET C 116 -10.72 5.94 12.96
N PRO C 117 -11.38 4.97 12.29
CA PRO C 117 -11.78 5.22 10.91
C PRO C 117 -12.85 6.32 10.85
N ASN C 118 -12.63 7.26 9.93
CA ASN C 118 -13.48 8.42 9.77
C ASN C 118 -14.95 8.05 9.52
N LEU C 119 -15.88 8.60 10.33
CA LEU C 119 -17.29 8.21 10.19
C LEU C 119 -18.01 8.82 8.99
N VAL C 120 -17.52 9.94 8.47
CA VAL C 120 -18.11 10.48 7.24
C VAL C 120 -17.65 9.62 6.04
N ALA C 121 -16.36 9.27 5.99
CA ALA C 121 -15.85 8.41 4.95
C ALA C 121 -16.50 7.04 5.03
N TYR C 122 -16.67 6.58 6.26
CA TYR C 122 -17.08 5.19 6.52
C TYR C 122 -18.23 5.18 7.55
N PRO C 123 -19.46 5.43 7.11
CA PRO C 123 -20.52 5.56 8.11
C PRO C 123 -20.97 4.23 8.68
N LYS C 124 -21.57 4.28 9.87
CA LYS C 124 -22.19 3.09 10.43
C LYS C 124 -23.38 2.64 9.59
N PRO C 125 -23.78 1.36 9.70
CA PRO C 125 -25.01 0.91 9.03
C PRO C 125 -26.21 1.80 9.36
N SER C 126 -27.01 2.09 8.34
CA SER C 126 -28.16 2.96 8.50
C SER C 126 -29.14 2.65 7.38
N ASN C 127 -30.14 3.52 7.20
CA ASN C 127 -31.14 3.34 6.16
C ASN C 127 -30.67 3.86 4.82
N SER C 128 -29.51 4.52 4.83
CA SER C 128 -28.98 5.13 3.62
C SER C 128 -28.13 4.16 2.83
N LYS C 129 -27.90 4.50 1.56
CA LYS C 129 -27.09 3.69 0.67
C LYS C 129 -25.71 3.42 1.25
N LYS C 130 -25.33 2.15 1.22
CA LYS C 130 -24.04 1.71 1.69
C LYS C 130 -23.04 1.69 0.52
N TYR C 131 -21.92 2.36 0.69
CA TYR C 131 -20.88 2.37 -0.35
C TYR C 131 -19.70 1.46 -0.03
N ALA C 132 -19.07 0.98 -1.08
CA ALA C 132 -17.96 0.04 -0.98
C ALA C 132 -16.65 0.66 -0.51
N ARG C 133 -16.57 1.98 -0.42
CA ARG C 133 -15.30 2.58 -0.06
C ARG C 133 -14.85 2.27 1.35
N ASP C 134 -15.75 1.78 2.18
CA ASP C 134 -15.36 1.30 3.52
C ASP C 134 -14.70 -0.08 3.56
N ILE C 135 -14.37 -0.62 2.39
CA ILE C 135 -13.65 -1.90 2.30
C ILE C 135 -12.33 -1.72 1.58
N VAL C 136 -11.32 -2.45 2.07
CA VAL C 136 -10.05 -2.61 1.36
CA VAL C 136 -10.10 -2.61 1.28
C VAL C 136 -9.76 -4.10 1.21
N TYR C 137 -9.47 -4.55 -0.01
CA TYR C 137 -9.03 -5.92 -0.23
C TYR C 137 -7.52 -6.03 -0.39
N GLY C 138 -6.98 -7.15 0.08
CA GLY C 138 -5.57 -7.49 -0.16
C GLY C 138 -5.45 -8.99 -0.21
N THR C 139 -4.29 -9.46 -0.68
CA THR C 139 -3.96 -10.90 -0.70
C THR C 139 -2.71 -11.11 0.11
N ILE C 140 -2.75 -12.07 1.04
CA ILE C 140 -1.54 -12.54 1.74
C ILE C 140 -1.31 -13.99 1.41
N TYR C 141 -0.18 -14.54 1.87
CA TYR C 141 0.24 -15.86 1.42
C TYR C 141 0.55 -16.74 2.62
N LEU C 142 -0.09 -17.90 2.67
CA LEU C 142 0.09 -18.82 3.79
C LEU C 142 1.49 -19.46 3.73
N GLY C 143 2.22 -19.40 4.84
CA GLY C 143 3.54 -19.99 4.89
C GLY C 143 4.52 -19.28 4.00
N GLY C 144 4.16 -18.10 3.51
CA GLY C 144 5.00 -17.36 2.58
C GLY C 144 5.10 -18.00 1.21
N LYS C 145 4.25 -18.99 0.91
CA LYS C 145 4.34 -19.69 -0.38
C LYS C 145 3.51 -18.94 -1.43
N PRO C 146 4.10 -18.63 -2.60
CA PRO C 146 3.37 -17.82 -3.59
C PRO C 146 2.15 -18.51 -4.17
N ASP C 147 2.07 -19.83 -4.09
CA ASP C 147 0.87 -20.53 -4.58
C ASP C 147 -0.17 -20.80 -3.48
N GLN C 148 -0.03 -20.13 -2.33
CA GLN C 148 -1.02 -20.27 -1.26
C GLN C 148 -1.67 -18.94 -0.87
N PRO C 149 -2.31 -18.27 -1.84
CA PRO C 149 -2.99 -16.99 -1.51
C PRO C 149 -4.23 -17.19 -0.60
N ALA C 150 -4.46 -16.19 0.22
CA ALA C 150 -5.73 -16.02 0.91
C ALA C 150 -6.09 -14.55 0.86
N VAL C 151 -7.38 -14.25 0.80
CA VAL C 151 -7.82 -12.88 0.74
C VAL C 151 -8.05 -12.30 2.13
N ILE C 152 -7.48 -11.12 2.40
CA ILE C 152 -7.84 -10.36 3.58
C ILE C 152 -8.72 -9.20 3.18
N LYS C 153 -9.96 -9.22 3.67
CA LYS C 153 -10.95 -8.14 3.40
C LYS C 153 -11.08 -7.35 4.69
N THR C 154 -10.75 -6.07 4.65
CA THR C 154 -10.84 -5.21 5.82
C THR C 154 -12.00 -4.25 5.62
N THR C 155 -12.84 -4.13 6.65
CA THR C 155 -14.02 -3.27 6.56
C THR C 155 -14.05 -2.32 7.76
N PHE C 156 -14.37 -1.06 7.49
CA PHE C 156 -14.43 -0.02 8.54
C PHE C 156 -15.83 0.35 8.94
N ASN C 157 -16.06 0.36 10.24
CA ASN C 157 -17.28 0.92 10.86
C ASN C 157 -18.56 0.23 10.41
N GLN C 158 -18.52 -1.09 10.23
CA GLN C 158 -19.74 -1.82 9.84
C GLN C 158 -20.32 -2.74 10.91
N GLU C 159 -19.70 -2.77 12.09
CA GLU C 159 -20.24 -3.57 13.21
C GLU C 159 -21.19 -2.76 14.09
N THR C 160 -22.12 -3.46 14.73
CA THR C 160 -22.98 -2.82 15.72
C THR C 160 -22.36 -2.94 17.11
N GLY C 161 -22.93 -2.27 18.11
CA GLY C 161 -22.46 -2.41 19.48
C GLY C 161 -21.24 -1.59 19.81
N CYS C 162 -20.93 -0.62 18.95
CA CYS C 162 -19.69 0.13 19.09
C CYS C 162 -19.85 1.42 18.32
N GLU C 163 -18.90 2.32 18.50
CA GLU C 163 -18.84 3.55 17.74
C GLU C 163 -18.01 3.43 16.47
N TYR C 164 -16.93 2.65 16.54
CA TYR C 164 -16.05 2.43 15.36
C TYR C 164 -15.67 0.96 15.33
N SER C 165 -15.26 0.48 14.16
CA SER C 165 -14.78 -0.90 14.06
C SER C 165 -13.84 -1.08 12.90
N ILE C 166 -12.94 -2.05 13.06
CA ILE C 166 -12.08 -2.54 11.98
C ILE C 166 -12.26 -4.04 12.02
N THR C 167 -12.71 -4.63 10.91
CA THR C 167 -12.83 -6.09 10.85
C THR C 167 -11.97 -6.66 9.72
N PHE C 168 -11.40 -7.82 10.00
CA PHE C 168 -10.55 -8.53 9.03
C PHE C 168 -11.21 -9.86 8.73
N ASN C 169 -11.62 -10.06 7.49
CA ASN C 169 -12.17 -11.35 7.10
C ASN C 169 -11.11 -12.04 6.25
N PHE C 170 -10.76 -13.26 6.62
CA PHE C 170 -9.77 -14.05 5.90
C PHE C 170 -10.51 -15.15 5.17
N SER C 171 -10.25 -15.32 3.88
CA SER C 171 -10.93 -16.36 3.14
C SER C 171 -10.02 -16.91 2.04
N TRP C 172 -10.33 -18.09 1.53
CA TRP C 172 -9.56 -18.66 0.46
C TRP C 172 -10.46 -19.49 -0.45
N SER C 173 -10.04 -19.63 -1.69
CA SER C 173 -10.84 -20.34 -2.68
C SER C 173 -10.20 -21.65 -3.15
N LYS C 174 -8.92 -21.84 -2.85
CA LYS C 174 -8.26 -23.11 -3.18
C LYS C 174 -8.55 -24.19 -2.14
N THR C 175 -8.36 -25.46 -2.54
CA THR C 175 -8.57 -26.59 -1.62
C THR C 175 -7.25 -26.96 -0.98
N TYR C 176 -6.91 -26.31 0.13
CA TYR C 176 -5.61 -26.52 0.75
C TYR C 176 -5.62 -27.80 1.58
N GLU C 177 -4.53 -28.54 1.53
CA GLU C 177 -4.44 -29.79 2.27
C GLU C 177 -3.28 -29.77 3.27
N ASN C 178 -3.61 -29.64 4.55
CA ASN C 178 -2.61 -29.53 5.62
C ASN C 178 -1.69 -28.33 5.48
N VAL C 179 -2.31 -27.17 5.37
CA VAL C 179 -1.60 -25.90 5.26
C VAL C 179 -1.78 -25.09 6.54
N GLU C 180 -0.68 -24.74 7.19
CA GLU C 180 -0.73 -23.97 8.42
C GLU C 180 -1.13 -22.53 8.13
N PHE C 181 -2.06 -21.98 8.92
CA PHE C 181 -2.53 -20.63 8.67
C PHE C 181 -1.67 -19.60 9.39
N GLU C 182 -0.58 -19.19 8.73
CA GLU C 182 0.28 -18.13 9.23
C GLU C 182 0.75 -17.36 8.01
N THR C 183 0.61 -16.02 8.05
CA THR C 183 0.59 -15.25 6.82
C THR C 183 1.76 -14.30 6.64
N THR C 184 1.95 -13.91 5.40
CA THR C 184 2.75 -12.75 5.09
C THR C 184 2.04 -11.46 5.53
N SER C 185 2.72 -10.32 5.38
CA SER C 185 2.14 -9.06 5.88
C SER C 185 1.53 -8.24 4.78
N PHE C 186 0.56 -7.43 5.15
CA PHE C 186 -0.17 -6.57 4.21
C PHE C 186 -0.24 -5.14 4.78
N THR C 187 -0.04 -4.13 3.94
CA THR C 187 -0.15 -2.72 4.35
C THR C 187 -1.31 -2.07 3.61
N PHE C 188 -2.04 -1.19 4.34
CA PHE C 188 -3.14 -0.42 3.76
C PHE C 188 -3.21 0.89 4.54
N SER C 189 -4.10 1.79 4.14
CA SER C 189 -4.32 2.97 4.97
C SER C 189 -5.81 3.24 5.00
N TYR C 190 -6.22 4.15 5.88
CA TYR C 190 -7.59 4.61 5.90
C TYR C 190 -7.65 6.04 6.43
N ILE C 191 -8.77 6.69 6.16
CA ILE C 191 -8.97 8.08 6.55
C ILE C 191 -9.28 8.14 8.03
N ALA C 192 -8.55 8.99 8.76
CA ALA C 192 -8.72 9.11 10.21
C ALA C 192 -9.88 10.05 10.59
N GLN C 193 -10.50 9.74 11.72
CA GLN C 193 -11.63 10.49 12.26
C GLN C 193 -11.23 11.92 12.61
N GLU C 194 -10.07 12.10 13.20
CA GLU C 194 -9.60 13.46 13.44
C GLU C 194 -8.09 13.52 13.37
#